data_3O1X
#
_entry.id   3O1X
#
_cell.length_a   39.765
_cell.length_b   39.765
_cell.length_c   141.410
_cell.angle_alpha   90.00
_cell.angle_beta   90.00
_cell.angle_gamma   90.00
#
_symmetry.space_group_name_H-M   'P 43 21 2'
#
loop_
_entity.id
_entity.type
_entity.pdbx_description
1 polymer 'Histidine triad nucleotide-binding protein 1'
2 non-polymer ADENOSINE
3 non-polymer 'SODIUM ION'
4 water water
#
_entity_poly.entity_id   1
_entity_poly.type   'polypeptide(L)'
_entity_poly.pdbx_seq_one_letter_code
;MADEIAKAQVARPGGDTIFGKIIRKEIPAKIIFEDDQCLAFHDISPQAPTHFLVIPKKHISQISAAEDADESLLGHLMIV
GKKAAADLGLKKGYRMVVNEGSDGGQSVYHVHLHVLGGRQMNWPPG
;
_entity_poly.pdbx_strand_id   A
#
loop_
_chem_comp.id
_chem_comp.type
_chem_comp.name
_chem_comp.formula
ADN non-polymer ADENOSINE 'C10 H13 N5 O4'
NA non-polymer 'SODIUM ION' 'Na 1'
#
# COMPACT_ATOMS: atom_id res chain seq x y z
N ARG A 12 4.00 -9.41 -16.39
CA ARG A 12 4.95 -10.36 -15.68
C ARG A 12 5.42 -9.82 -14.27
N PRO A 13 6.62 -9.17 -14.19
CA PRO A 13 6.95 -8.57 -12.89
C PRO A 13 5.86 -7.56 -12.47
N GLY A 14 5.46 -7.68 -11.21
CA GLY A 14 4.44 -6.83 -10.68
C GLY A 14 3.07 -7.42 -10.72
N GLY A 15 2.81 -8.47 -11.49
CA GLY A 15 1.54 -9.17 -11.52
C GLY A 15 0.48 -8.54 -12.43
N ASP A 16 -0.72 -9.12 -12.37
N ASP A 16 -0.72 -9.14 -12.47
CA ASP A 16 -1.87 -8.85 -13.31
CA ASP A 16 -1.90 -8.71 -13.37
C ASP A 16 -2.99 -7.76 -12.95
C ASP A 16 -3.18 -8.09 -12.62
N THR A 17 -2.88 -7.11 -11.84
CA THR A 17 -3.87 -6.25 -11.21
C THR A 17 -3.61 -4.80 -11.60
N ILE A 18 -4.45 -3.90 -11.13
CA ILE A 18 -4.21 -2.46 -11.24
C ILE A 18 -2.84 -2.10 -10.76
N PHE A 19 -2.43 -2.76 -9.71
N PHE A 19 -2.42 -2.66 -9.61
CA PHE A 19 -1.21 -2.35 -9.13
CA PHE A 19 -1.11 -2.37 -9.02
C PHE A 19 -0.02 -2.84 -9.90
C PHE A 19 0.07 -2.89 -9.82
N GLY A 20 -0.12 -3.97 -10.59
CA GLY A 20 0.94 -4.40 -11.55
C GLY A 20 1.20 -3.34 -12.60
N LYS A 21 0.13 -2.74 -13.12
CA LYS A 21 0.27 -1.70 -14.13
C LYS A 21 1.00 -0.49 -13.55
N ILE A 22 0.69 -0.17 -12.26
CA ILE A 22 1.36 0.95 -11.63
C ILE A 22 2.82 0.63 -11.43
N ILE A 23 3.13 -0.59 -10.99
CA ILE A 23 4.53 -0.96 -10.79
C ILE A 23 5.32 -0.91 -12.11
N ARG A 24 4.70 -1.33 -13.21
CA ARG A 24 5.37 -1.29 -14.52
C ARG A 24 5.35 0.07 -15.16
N LYS A 25 4.66 1.03 -14.55
N LYS A 25 4.69 1.05 -14.52
CA LYS A 25 4.65 2.40 -14.95
CA LYS A 25 4.59 2.43 -14.95
C LYS A 25 3.87 2.61 -16.19
C LYS A 25 3.66 2.60 -16.20
N GLU A 26 3.11 1.61 -16.57
N GLU A 26 2.66 1.71 -16.38
CA GLU A 26 2.25 1.71 -17.72
CA GLU A 26 1.67 1.69 -17.55
C GLU A 26 1.17 2.78 -17.49
C GLU A 26 0.39 2.54 -17.37
N ILE A 27 0.77 2.92 -16.21
N ILE A 27 0.20 2.91 -16.11
CA ILE A 27 -0.14 3.98 -15.81
CA ILE A 27 -0.92 3.75 -15.78
C ILE A 27 0.46 4.70 -14.60
C ILE A 27 -0.51 4.64 -14.66
N PRO A 28 0.43 6.00 -14.61
N PRO A 28 -1.26 5.74 -14.51
CA PRO A 28 1.16 6.72 -13.56
CA PRO A 28 -0.76 6.85 -13.74
C PRO A 28 0.35 6.76 -12.25
C PRO A 28 -0.86 6.69 -12.24
N ALA A 29 1.05 7.09 -11.22
N ALA A 29 0.16 7.15 -11.52
CA ALA A 29 0.45 7.24 -9.94
CA ALA A 29 0.20 7.19 -10.03
C ALA A 29 1.25 8.37 -9.29
C ALA A 29 1.09 8.33 -9.47
N LYS A 30 0.71 8.89 -8.25
N LYS A 30 0.74 8.88 -8.31
CA LYS A 30 1.49 9.98 -7.66
CA LYS A 30 1.53 9.96 -7.72
C LYS A 30 2.48 9.38 -6.65
C LYS A 30 2.48 9.36 -6.68
N ILE A 31 3.68 9.07 -7.14
CA ILE A 31 4.65 8.33 -6.39
C ILE A 31 5.36 9.21 -5.42
N ILE A 32 5.47 8.79 -4.17
N ILE A 32 5.41 8.68 -4.19
CA ILE A 32 6.12 9.58 -3.17
CA ILE A 32 5.92 9.34 -3.01
C ILE A 32 7.35 8.84 -2.59
C ILE A 32 7.30 8.84 -2.69
N PHE A 33 7.51 7.53 -2.90
CA PHE A 33 8.69 6.80 -2.47
C PHE A 33 8.86 5.62 -3.41
N GLU A 34 10.10 5.28 -3.81
CA GLU A 34 10.36 4.08 -4.58
C GLU A 34 11.76 3.65 -4.22
N ASP A 35 11.88 2.45 -3.90
CA ASP A 35 13.19 1.88 -3.72
C ASP A 35 13.15 0.60 -4.49
N ASP A 36 14.11 -0.33 -4.36
CA ASP A 36 14.03 -1.54 -5.12
C ASP A 36 13.03 -2.60 -4.69
N GLN A 37 12.43 -2.44 -3.55
CA GLN A 37 11.45 -3.44 -3.02
C GLN A 37 9.99 -3.05 -3.14
N CYS A 38 9.72 -1.77 -3.25
CA CYS A 38 8.35 -1.28 -3.05
C CYS A 38 8.19 0.11 -3.67
N LEU A 39 6.92 0.50 -3.67
CA LEU A 39 6.50 1.78 -4.18
C LEU A 39 5.44 2.35 -3.21
N ALA A 40 5.44 3.64 -2.96
CA ALA A 40 4.36 4.29 -2.23
C ALA A 40 3.76 5.39 -3.10
N PHE A 41 2.45 5.50 -3.07
CA PHE A 41 1.75 6.48 -3.93
C PHE A 41 0.43 6.86 -3.27
N HIS A 42 -0.06 8.05 -3.58
CA HIS A 42 -1.29 8.51 -3.05
C HIS A 42 -2.45 7.70 -3.53
N ASP A 43 -3.42 7.45 -2.62
CA ASP A 43 -4.60 6.72 -2.96
C ASP A 43 -5.54 7.58 -3.79
N ILE A 44 -6.18 7.01 -4.81
N ILE A 44 -6.17 7.03 -4.82
CA ILE A 44 -7.10 7.75 -5.74
CA ILE A 44 -7.01 7.93 -5.63
C ILE A 44 -8.40 8.12 -5.06
C ILE A 44 -8.39 8.13 -5.04
N SER A 45 -8.72 7.49 -3.93
N SER A 45 -8.72 7.41 -3.97
N SER A 45 -8.92 7.45 -4.02
CA SER A 45 -10.00 7.69 -3.25
CA SER A 45 -9.95 7.66 -3.24
CA SER A 45 -10.12 7.78 -3.24
C SER A 45 -9.72 7.95 -1.76
C SER A 45 -9.66 7.92 -1.75
C SER A 45 -9.72 7.96 -1.77
N PRO A 46 -9.06 9.09 -1.47
CA PRO A 46 -8.53 9.25 -0.13
C PRO A 46 -9.65 9.34 0.91
N GLN A 47 -9.37 8.71 2.06
CA GLN A 47 -10.31 8.71 3.17
C GLN A 47 -9.82 9.58 4.33
N ALA A 48 -8.71 10.29 4.11
CA ALA A 48 -8.16 11.21 5.12
C ALA A 48 -7.37 12.22 4.35
N PRO A 49 -6.98 13.33 5.02
CA PRO A 49 -6.21 14.34 4.30
C PRO A 49 -4.92 13.80 3.71
N THR A 50 -4.26 12.85 4.40
CA THR A 50 -3.19 12.08 3.80
C THR A 50 -3.67 10.64 3.76
N HIS A 51 -3.61 10.04 2.60
CA HIS A 51 -3.97 8.63 2.46
C HIS A 51 -3.14 8.10 1.30
N PHE A 52 -2.18 7.25 1.59
CA PHE A 52 -1.31 6.67 0.57
C PHE A 52 -1.25 5.17 0.77
N LEU A 53 -0.74 4.49 -0.23
CA LEU A 53 -0.53 3.04 -0.26
C LEU A 53 0.93 2.76 -0.37
N VAL A 54 1.39 1.67 0.28
CA VAL A 54 2.72 1.11 0.08
C VAL A 54 2.53 -0.29 -0.44
N ILE A 55 3.12 -0.62 -1.58
CA ILE A 55 2.95 -1.91 -2.17
C ILE A 55 4.32 -2.55 -2.48
N PRO A 56 4.44 -3.84 -2.33
CA PRO A 56 5.66 -4.53 -2.76
C PRO A 56 5.67 -4.58 -4.30
N LYS A 57 6.88 -4.55 -4.85
CA LYS A 57 7.04 -4.81 -6.29
C LYS A 57 6.83 -6.26 -6.61
N LYS A 58 7.18 -7.18 -5.68
CA LYS A 58 6.88 -8.58 -5.82
C LYS A 58 5.37 -8.78 -5.73
N HIS A 59 4.77 -9.57 -6.63
N HIS A 59 4.79 -9.54 -6.66
CA HIS A 59 3.34 -9.86 -6.58
CA HIS A 59 3.39 -9.85 -6.58
C HIS A 59 3.04 -10.88 -5.48
C HIS A 59 3.14 -10.88 -5.45
N ILE A 60 2.46 -10.44 -4.41
CA ILE A 60 1.86 -11.27 -3.39
C ILE A 60 0.39 -10.89 -3.42
N SER A 61 -0.49 -11.85 -3.60
CA SER A 61 -1.88 -11.52 -3.88
C SER A 61 -2.61 -10.94 -2.67
N GLN A 62 -2.28 -11.43 -1.51
CA GLN A 62 -2.97 -11.04 -0.27
C GLN A 62 -2.13 -11.49 0.88
N ILE A 63 -2.37 -10.87 2.02
N ILE A 63 -2.35 -10.99 2.11
CA ILE A 63 -1.53 -11.14 3.15
CA ILE A 63 -1.49 -11.39 3.26
C ILE A 63 -1.65 -12.63 3.54
C ILE A 63 -1.59 -12.85 3.46
N SER A 64 -2.81 -13.31 3.33
CA SER A 64 -2.97 -14.72 3.67
C SER A 64 -2.12 -15.62 2.78
N ALA A 65 -1.63 -15.11 1.65
CA ALA A 65 -0.73 -15.83 0.73
C ALA A 65 0.77 -15.49 0.95
N ALA A 66 1.11 -14.60 1.82
CA ALA A 66 2.49 -14.31 2.08
C ALA A 66 3.14 -15.48 2.80
N GLU A 67 4.42 -15.66 2.54
N GLU A 67 4.41 -15.67 2.54
CA GLU A 67 5.17 -16.77 3.09
CA GLU A 67 5.15 -16.77 3.12
C GLU A 67 6.12 -16.26 4.17
C GLU A 67 6.12 -16.26 4.17
N ASP A 68 6.67 -17.18 4.97
CA ASP A 68 7.59 -16.79 6.01
C ASP A 68 8.77 -15.97 5.49
N ALA A 69 9.26 -16.31 4.34
CA ALA A 69 10.41 -15.60 3.78
C ALA A 69 10.01 -14.17 3.36
N ASP A 70 8.74 -13.82 3.30
CA ASP A 70 8.32 -12.47 3.01
C ASP A 70 8.29 -11.57 4.21
N GLU A 71 8.67 -12.02 5.41
N GLU A 71 8.67 -12.03 5.41
CA GLU A 71 8.59 -11.16 6.60
CA GLU A 71 8.48 -11.17 6.58
C GLU A 71 9.31 -9.85 6.44
C GLU A 71 9.26 -9.86 6.47
N SER A 72 10.55 -9.90 5.97
N SER A 72 10.53 -9.89 6.09
N SER A 72 10.63 -10.03 6.00
CA SER A 72 11.35 -8.68 5.88
CA SER A 72 11.25 -8.60 6.00
CA SER A 72 11.34 -8.75 5.89
C SER A 72 10.69 -7.68 4.92
C SER A 72 10.67 -7.66 4.93
C SER A 72 10.72 -7.72 4.92
N LEU A 73 10.18 -8.20 3.80
CA LEU A 73 9.49 -7.34 2.82
C LEU A 73 8.25 -6.70 3.44
N LEU A 74 7.43 -7.48 4.17
CA LEU A 74 6.23 -6.93 4.79
C LEU A 74 6.60 -5.84 5.79
N GLY A 75 7.62 -6.12 6.62
CA GLY A 75 8.05 -5.10 7.56
C GLY A 75 8.62 -3.87 6.84
N HIS A 76 9.28 -4.09 5.71
CA HIS A 76 9.78 -2.95 4.92
C HIS A 76 8.64 -2.05 4.50
N LEU A 77 7.48 -2.60 4.15
CA LEU A 77 6.35 -1.77 3.78
C LEU A 77 6.01 -0.81 4.90
N MET A 78 6.07 -1.47 6.06
N MET A 78 5.97 -1.26 6.22
CA MET A 78 5.78 -0.69 7.24
CA MET A 78 5.64 -0.38 7.37
C MET A 78 6.80 0.46 7.53
C MET A 78 6.78 0.64 7.62
N ILE A 79 8.06 0.20 7.41
CA ILE A 79 9.11 1.18 7.61
C ILE A 79 9.02 2.27 6.54
N VAL A 80 8.76 1.89 5.28
CA VAL A 80 8.54 2.90 4.24
C VAL A 80 7.36 3.74 4.56
N GLY A 81 6.27 3.14 5.02
CA GLY A 81 5.11 3.95 5.40
C GLY A 81 5.43 4.96 6.48
N LYS A 82 6.18 4.56 7.51
CA LYS A 82 6.64 5.52 8.55
C LYS A 82 7.44 6.67 7.91
N LYS A 83 8.36 6.34 7.03
CA LYS A 83 9.19 7.41 6.37
C LYS A 83 8.39 8.33 5.54
N ALA A 84 7.49 7.81 4.78
CA ALA A 84 6.68 8.62 3.88
C ALA A 84 5.77 9.49 4.72
N ALA A 85 5.19 8.95 5.81
CA ALA A 85 4.32 9.71 6.68
C ALA A 85 5.08 10.89 7.26
N ALA A 86 6.30 10.68 7.68
CA ALA A 86 7.08 11.80 8.23
C ALA A 86 7.39 12.84 7.12
N ASP A 87 7.75 12.37 5.92
N ASP A 87 7.70 12.35 5.93
CA ASP A 87 7.97 13.30 4.79
CA ASP A 87 7.97 13.28 4.83
C ASP A 87 6.75 14.13 4.47
C ASP A 87 6.76 14.12 4.42
N LEU A 88 5.56 13.56 4.67
CA LEU A 88 4.30 14.26 4.42
C LEU A 88 3.80 15.06 5.64
N GLY A 89 4.60 15.10 6.70
CA GLY A 89 4.21 15.92 7.93
C GLY A 89 3.25 15.38 8.97
N LEU A 90 3.08 14.09 9.00
CA LEU A 90 2.11 13.42 9.89
C LEU A 90 2.64 13.35 11.34
N LYS A 91 2.91 14.55 11.91
CA LYS A 91 3.48 14.62 13.27
C LYS A 91 2.56 14.13 14.38
N LYS A 92 1.26 14.12 14.17
CA LYS A 92 0.31 13.75 15.21
C LYS A 92 -0.06 12.28 15.09
N GLY A 93 0.47 11.57 14.08
CA GLY A 93 0.26 10.11 13.96
C GLY A 93 -0.54 9.73 12.74
N TYR A 94 -0.89 8.46 12.68
CA TYR A 94 -1.47 7.87 11.48
C TYR A 94 -1.94 6.46 11.82
N ARG A 95 -2.67 5.88 10.91
CA ARG A 95 -3.14 4.51 11.02
C ARG A 95 -2.68 3.74 9.79
N MET A 96 -2.18 2.55 10.00
CA MET A 96 -1.81 1.62 8.95
C MET A 96 -2.81 0.50 8.89
N VAL A 97 -3.23 0.13 7.67
CA VAL A 97 -4.27 -0.88 7.47
C VAL A 97 -3.90 -1.81 6.35
N VAL A 98 -4.06 -3.12 6.56
CA VAL A 98 -4.01 -4.13 5.49
C VAL A 98 -5.30 -4.87 5.51
N ASN A 99 -5.96 -4.93 4.35
CA ASN A 99 -7.21 -5.65 4.18
C ASN A 99 -6.98 -7.00 3.56
N GLU A 100 -7.61 -8.04 4.10
CA GLU A 100 -7.56 -9.39 3.54
C GLU A 100 -8.94 -9.87 3.19
N GLY A 101 -9.10 -10.25 1.95
CA GLY A 101 -10.32 -10.91 1.53
C GLY A 101 -11.57 -10.07 1.61
N SER A 102 -12.64 -10.80 1.56
N SER A 102 -12.72 -10.70 1.43
N SER A 102 -12.71 -10.73 1.45
CA SER A 102 -13.92 -10.21 1.41
CA SER A 102 -13.98 -9.94 1.32
CA SER A 102 -14.02 -10.06 1.35
C SER A 102 -14.23 -9.36 2.64
C SER A 102 -14.45 -9.31 2.65
C SER A 102 -14.35 -9.32 2.65
N ASP A 103 -14.24 -10.00 3.79
CA ASP A 103 -14.59 -9.32 5.05
C ASP A 103 -13.61 -8.20 5.36
N GLY A 104 -12.35 -8.29 4.92
CA GLY A 104 -11.39 -7.22 5.14
C GLY A 104 -11.63 -6.03 4.28
N GLY A 105 -12.40 -6.19 3.22
CA GLY A 105 -12.62 -5.14 2.25
C GLY A 105 -11.56 -5.05 1.17
N GLN A 106 -10.84 -6.12 0.91
CA GLN A 106 -9.84 -6.14 -0.13
C GLN A 106 -10.57 -6.26 -1.55
N SER A 107 -10.24 -5.29 -2.41
N SER A 107 -10.25 -5.43 -2.49
CA SER A 107 -10.72 -5.11 -3.79
CA SER A 107 -10.77 -5.59 -3.77
C SER A 107 -9.71 -5.30 -4.91
C SER A 107 -9.66 -5.90 -4.77
N VAL A 108 -8.45 -5.28 -4.57
CA VAL A 108 -7.35 -5.46 -5.51
C VAL A 108 -6.43 -6.55 -4.91
N TYR A 109 -6.18 -7.64 -5.61
CA TYR A 109 -5.46 -8.78 -5.10
C TYR A 109 -3.95 -8.65 -5.38
N HIS A 110 -3.42 -7.61 -4.77
CA HIS A 110 -1.99 -7.37 -4.67
C HIS A 110 -1.84 -6.74 -3.32
N VAL A 111 -0.95 -7.22 -2.45
N VAL A 111 -1.02 -7.29 -2.43
CA VAL A 111 -0.86 -6.66 -1.11
CA VAL A 111 -0.93 -6.77 -1.06
C VAL A 111 -0.65 -5.18 -1.19
C VAL A 111 -0.59 -5.27 -1.06
N HIS A 112 -1.35 -4.50 -0.26
CA HIS A 112 -1.17 -3.05 -0.16
C HIS A 112 -1.39 -2.63 1.27
N LEU A 113 -0.51 -1.77 1.77
CA LEU A 113 -0.61 -1.15 3.09
C LEU A 113 -1.16 0.25 2.91
N HIS A 114 -2.30 0.54 3.53
CA HIS A 114 -2.84 1.90 3.61
C HIS A 114 -2.17 2.62 4.78
N VAL A 115 -1.87 3.91 4.56
CA VAL A 115 -1.43 4.79 5.61
C VAL A 115 -2.29 6.03 5.57
N LEU A 116 -3.01 6.30 6.66
CA LEU A 116 -3.99 7.38 6.73
C LEU A 116 -3.65 8.32 7.88
N GLY A 117 -3.69 9.61 7.64
CA GLY A 117 -3.53 10.56 8.74
C GLY A 117 -3.96 11.93 8.30
N GLY A 118 -3.60 12.90 9.16
CA GLY A 118 -4.03 14.30 8.94
C GLY A 118 -5.40 14.61 9.49
N ARG A 119 -6.00 13.66 10.22
CA ARG A 119 -7.21 13.82 10.98
C ARG A 119 -7.19 12.80 12.09
N GLN A 120 -8.05 13.00 13.11
CA GLN A 120 -8.27 11.94 14.11
C GLN A 120 -8.90 10.73 13.44
N MET A 121 -8.30 9.58 13.60
CA MET A 121 -8.86 8.33 13.17
C MET A 121 -9.73 7.79 14.29
N ASN A 122 -10.89 7.26 13.98
N ASN A 122 -10.87 7.21 13.91
CA ASN A 122 -11.93 6.85 14.91
CA ASN A 122 -11.93 6.78 14.80
C ASN A 122 -11.78 5.39 15.29
C ASN A 122 -11.93 5.29 15.09
N TRP A 123 -12.73 4.86 16.05
CA TRP A 123 -12.74 3.47 16.45
C TRP A 123 -14.17 3.04 16.56
N PRO A 124 -14.57 1.87 16.08
CA PRO A 124 -13.74 0.83 15.48
C PRO A 124 -13.15 1.24 14.14
N PRO A 125 -12.15 0.51 13.67
CA PRO A 125 -11.48 0.84 12.37
C PRO A 125 -12.24 0.22 11.21
N GLY A 126 -13.49 0.69 11.02
CA GLY A 126 -14.46 0.01 10.17
C GLY A 126 -15.16 -1.14 10.87
O5' ADN B . -7.50 -1.01 -1.51
C5' ADN B . -7.30 -0.64 -2.87
C4' ADN B . -7.08 0.85 -2.91
O4' ADN B . -6.58 1.17 -4.18
C3' ADN B . -8.30 1.77 -2.75
O3' ADN B . -8.20 2.58 -1.52
C2' ADN B . -8.40 2.55 -4.07
O2' ADN B . -8.95 3.81 -3.97
C1' ADN B . -6.94 2.47 -4.47
N9 ADN B . -6.75 2.60 -5.95
C8 ADN B . -7.42 1.92 -6.93
N7 ADN B . -6.90 2.24 -8.06
C5 ADN B . -5.93 3.18 -7.91
C6 ADN B . -4.98 3.94 -8.75
N6 ADN B . -5.03 3.86 -10.08
N1 ADN B . -4.14 4.78 -8.09
C2 ADN B . -4.15 4.96 -6.76
N3 ADN B . -4.95 4.27 -5.87
C4 ADN B . -5.83 3.41 -6.47
NA NA C . 11.23 10.45 6.12
#